data_7Q90
#
_entry.id   7Q90
#
_cell.length_a   55.906
_cell.length_b   114.820
_cell.length_c   120.703
_cell.angle_alpha   90.000
_cell.angle_beta   90.000
_cell.angle_gamma   90.000
#
_symmetry.space_group_name_H-M   'P 21 21 21'
#
loop_
_entity.id
_entity.type
_entity.pdbx_description
1 polymer 'Tau-tubulin kinase 2'
2 non-polymer 'PHOSPHATE ION'
3 non-polymer ~{N}-[4-(4-methoxyphenoxy)phenyl]-7~{H}-pyrrolo[2,3-d]pyrimidin-4-amine
4 water water
#
_entity_poly.entity_id   1
_entity_poly.type   'polypeptide(L)'
_entity_poly.pdbx_seq_one_letter_code
;SMSGGGEQPDILSVGILVKERWKVLRKIGGGGFGEIYDALDMLTRENVALKVESAQQPKQVLKMEVAVLKKLQGKDHVCR
FIGCGRNDRFNYVVMQLQGRNLADLRRSQSRGTFTISTTLRLGRQILESIESIHSVGFLHRDIKPSNFAMGRFPSTCRKC
YMLDFGLARQFTNSCGDVRPPRAVAGFRGTVRYASINAHRNREMGRHDDLWSLFYMLVEFVVGQLPWRKIKDKEQVGSIK
ERYDHRLMLKHLPPEFSIFLDHISSLDYFTKPDYQLLTSVFDNSIKTFGVIESDPFDWEK
;
_entity_poly.pdbx_strand_id   A,B
#
# COMPACT_ATOMS: atom_id res chain seq x y z
N GLU A 7 8.20 34.78 -11.22
CA GLU A 7 8.14 34.35 -9.80
C GLU A 7 8.59 35.54 -8.91
N GLN A 8 8.29 35.49 -7.61
CA GLN A 8 8.62 36.57 -6.65
C GLN A 8 10.06 36.42 -6.17
N PRO A 9 10.78 37.55 -5.90
CA PRO A 9 12.05 37.48 -5.19
C PRO A 9 11.87 36.97 -3.76
N ASP A 10 12.97 36.57 -3.16
CA ASP A 10 13.07 36.24 -1.71
C ASP A 10 12.52 37.40 -0.86
N ILE A 11 11.91 37.08 0.26
CA ILE A 11 11.35 38.14 1.16
C ILE A 11 12.45 39.11 1.60
N LEU A 12 13.63 38.61 1.92
CA LEU A 12 14.81 39.40 2.37
C LEU A 12 15.89 39.27 1.29
N SER A 13 16.59 40.35 1.01
CA SER A 13 17.86 40.30 0.24
C SER A 13 18.98 39.80 1.12
N VAL A 14 19.69 38.82 0.65
CA VAL A 14 20.93 38.39 1.32
C VAL A 14 21.84 39.62 1.41
N GLY A 15 22.43 39.83 2.59
CA GLY A 15 23.32 40.95 2.83
C GLY A 15 22.73 42.02 3.72
N ILE A 16 21.42 42.10 3.80
CA ILE A 16 20.83 43.15 4.63
C ILE A 16 21.05 42.78 6.11
N LEU A 17 20.92 43.80 6.92
CA LEU A 17 20.99 43.72 8.37
C LEU A 17 19.57 43.95 8.92
N VAL A 18 19.08 43.03 9.69
CA VAL A 18 17.76 43.15 10.37
C VAL A 18 18.02 43.73 11.78
N LYS A 19 17.39 44.86 12.06
CA LYS A 19 17.46 45.55 13.38
C LYS A 19 18.91 45.81 13.73
N GLU A 20 19.74 46.18 12.77
CA GLU A 20 21.14 46.55 13.00
C GLU A 20 21.86 45.42 13.73
N ARG A 21 21.39 44.18 13.62
CA ARG A 21 22.01 43.07 14.39
C ARG A 21 22.20 41.78 13.56
N TRP A 22 21.19 41.37 12.83
CA TRP A 22 21.20 40.03 12.19
C TRP A 22 21.50 40.16 10.69
N LYS A 23 22.70 39.76 10.26
CA LYS A 23 23.11 39.90 8.85
C LYS A 23 22.62 38.66 8.10
N VAL A 24 21.80 38.85 7.08
CA VAL A 24 21.21 37.73 6.32
C VAL A 24 22.30 37.14 5.45
N LEU A 25 22.58 35.82 5.54
CA LEU A 25 23.69 35.18 4.80
C LEU A 25 23.17 34.31 3.63
N ARG A 26 22.19 33.49 3.88
CA ARG A 26 21.68 32.58 2.87
C ARG A 26 20.33 32.08 3.23
N LYS A 27 19.51 31.92 2.22
CA LYS A 27 18.22 31.26 2.39
C LYS A 27 18.48 29.77 2.57
N ILE A 28 17.85 29.16 3.55
CA ILE A 28 18.01 27.71 3.79
C ILE A 28 16.69 26.96 3.64
N GLY A 29 15.58 27.66 3.56
CA GLY A 29 14.27 26.97 3.40
C GLY A 29 13.20 27.91 2.92
N GLY A 30 12.12 27.37 2.35
CA GLY A 30 11.11 28.19 1.65
C GLY A 30 9.69 27.67 1.77
N GLY A 31 9.51 26.41 2.15
CA GLY A 31 8.18 25.80 2.38
C GLY A 31 7.49 26.39 3.60
N GLY A 32 6.29 25.93 3.92
CA GLY A 32 5.42 26.51 4.95
C GLY A 32 4.83 27.83 4.50
N PHE A 33 4.78 28.81 5.39
CA PHE A 33 4.08 30.12 5.21
C PHE A 33 5.14 31.23 5.30
N GLY A 34 6.38 30.92 4.93
CA GLY A 34 7.45 31.93 4.87
C GLY A 34 8.77 31.35 4.41
N GLU A 35 9.86 31.98 4.81
CA GLU A 35 11.22 31.63 4.42
C GLU A 35 12.10 31.61 5.65
N ILE A 36 13.17 30.85 5.62
CA ILE A 36 14.13 30.78 6.72
C ILE A 36 15.54 30.98 6.14
N TYR A 37 16.35 31.66 6.91
CA TYR A 37 17.69 32.12 6.54
C TYR A 37 18.68 31.78 7.68
N ASP A 38 19.89 31.53 7.26
CA ASP A 38 21.06 31.55 8.13
C ASP A 38 21.54 33.00 8.23
N ALA A 39 21.59 33.52 9.42
CA ALA A 39 22.02 34.90 9.67
C ALA A 39 23.20 34.92 10.65
N LEU A 40 24.02 35.95 10.58
CA LEU A 40 25.05 36.24 11.62
C LEU A 40 24.47 37.20 12.65
N ASP A 41 24.42 36.78 13.90
CA ASP A 41 24.03 37.66 15.02
C ASP A 41 25.24 38.45 15.44
N MET A 42 25.28 39.73 15.17
CA MET A 42 26.52 40.50 15.40
C MET A 42 26.63 40.89 16.88
N LEU A 43 25.61 40.64 17.68
CA LEU A 43 25.75 40.87 19.15
C LEU A 43 26.51 39.70 19.76
N THR A 44 26.11 38.49 19.50
CA THR A 44 26.66 37.26 20.10
C THR A 44 27.76 36.66 19.22
N ARG A 45 27.87 37.13 18.00
CA ARG A 45 28.89 36.66 17.02
C ARG A 45 28.72 35.16 16.80
N GLU A 46 27.54 34.76 16.41
CA GLU A 46 27.18 33.35 16.16
C GLU A 46 26.22 33.29 14.97
N ASN A 47 26.18 32.16 14.27
CA ASN A 47 25.14 31.92 13.26
C ASN A 47 23.85 31.55 13.95
N VAL A 48 22.74 32.05 13.42
CA VAL A 48 21.37 31.83 13.94
C VAL A 48 20.42 31.55 12.78
N ALA A 49 19.24 31.06 13.09
CA ALA A 49 18.15 30.93 12.10
C ALA A 49 17.23 32.15 12.22
N LEU A 50 16.83 32.64 11.06
CA LEU A 50 15.93 33.81 10.93
C LEU A 50 14.75 33.38 10.08
N LYS A 51 13.56 33.30 10.68
CA LYS A 51 12.31 33.04 9.94
C LYS A 51 11.64 34.36 9.60
N VAL A 52 11.09 34.45 8.43
CA VAL A 52 10.38 35.68 7.98
CA VAL A 52 10.40 35.68 7.96
C VAL A 52 9.10 35.32 7.24
N GLU A 53 8.18 36.23 7.29
CA GLU A 53 6.95 36.21 6.50
C GLU A 53 6.66 37.62 5.98
N SER A 54 6.04 37.70 4.82
CA SER A 54 5.57 39.01 4.35
C SER A 54 4.55 39.53 5.37
N ALA A 55 4.53 40.88 5.53
CA ALA A 55 3.54 41.57 6.38
C ALA A 55 2.20 41.74 5.61
N GLN A 56 2.16 41.41 4.31
CA GLN A 56 0.93 41.46 3.49
C GLN A 56 0.31 40.08 3.19
N GLN A 57 0.98 38.97 3.48
CA GLN A 57 0.49 37.67 2.97
C GLN A 57 -0.75 37.27 3.79
N PRO A 58 -1.66 36.47 3.19
CA PRO A 58 -3.00 36.30 3.73
C PRO A 58 -2.98 35.53 5.07
N LYS A 59 -2.14 34.51 5.17
CA LYS A 59 -1.99 33.70 6.41
C LYS A 59 -0.61 33.95 6.99
N GLN A 60 -0.56 34.60 8.14
CA GLN A 60 0.70 34.84 8.88
C GLN A 60 0.68 33.99 10.14
N VAL A 61 1.76 33.28 10.40
CA VAL A 61 1.79 32.34 11.55
C VAL A 61 2.95 32.67 12.49
N LEU A 62 3.81 33.68 12.21
CA LEU A 62 4.97 33.87 13.10
C LEU A 62 4.53 34.39 14.48
N LYS A 63 3.35 34.99 14.60
CA LYS A 63 2.85 35.39 15.93
C LYS A 63 2.70 34.12 16.78
N MET A 64 2.22 33.05 16.18
CA MET A 64 2.09 31.74 16.89
C MET A 64 3.46 31.17 17.17
N GLU A 65 4.35 31.20 16.18
CA GLU A 65 5.73 30.73 16.35
C GLU A 65 6.33 31.37 17.59
N VAL A 66 6.26 32.70 17.69
CA VAL A 66 6.88 33.43 18.84
C VAL A 66 6.22 33.00 20.12
N ALA A 67 4.89 32.92 20.14
CA ALA A 67 4.15 32.61 21.39
C ALA A 67 4.65 31.26 21.91
N VAL A 68 4.64 30.26 21.05
CA VAL A 68 4.96 28.88 21.51
C VAL A 68 6.47 28.81 21.87
N LEU A 69 7.36 29.33 21.02
CA LEU A 69 8.81 29.31 21.31
C LEU A 69 9.04 29.90 22.69
N LYS A 70 8.38 31.03 23.00
CA LYS A 70 8.58 31.67 24.32
C LYS A 70 8.10 30.74 25.42
N LYS A 71 6.91 30.18 25.27
CA LYS A 71 6.31 29.32 26.29
C LYS A 71 7.24 28.15 26.59
N LEU A 72 8.02 27.70 25.60
CA LEU A 72 8.83 26.47 25.73
C LEU A 72 10.24 26.76 26.15
N GLN A 73 10.62 28.00 26.41
CA GLN A 73 12.00 28.26 26.80
C GLN A 73 12.30 27.52 28.13
N GLY A 74 13.49 26.92 28.19
CA GLY A 74 13.94 26.12 29.34
C GLY A 74 13.62 24.66 29.18
N LYS A 75 12.79 24.30 28.20
CA LYS A 75 12.38 22.91 27.98
C LYS A 75 13.34 22.27 27.01
N ASP A 76 13.32 20.96 26.95
CA ASP A 76 14.14 20.18 26.01
C ASP A 76 13.52 20.25 24.60
N HIS A 77 14.31 19.92 23.62
CA HIS A 77 13.90 19.68 22.22
C HIS A 77 13.38 20.94 21.55
N VAL A 78 13.74 22.10 22.03
CA VAL A 78 13.30 23.36 21.38
CA VAL A 78 13.27 23.40 21.49
C VAL A 78 14.49 24.31 21.21
N CYS A 79 14.42 25.09 20.17
CA CYS A 79 15.42 26.11 19.82
C CYS A 79 15.41 27.21 20.86
N ARG A 80 16.56 27.74 21.21
CA ARG A 80 16.63 28.96 22.07
CA ARG A 80 16.62 28.96 22.07
C ARG A 80 16.05 30.16 21.30
N PHE A 81 15.18 30.90 21.93
CA PHE A 81 14.60 32.12 21.38
C PHE A 81 15.65 33.22 21.41
N ILE A 82 15.77 34.00 20.31
CA ILE A 82 16.83 35.03 20.19
C ILE A 82 16.23 36.41 19.90
N GLY A 83 15.14 36.51 19.18
CA GLY A 83 14.48 37.81 18.97
C GLY A 83 13.31 37.74 18.02
N CYS A 84 12.63 38.85 17.84
CA CYS A 84 11.43 38.90 16.98
C CYS A 84 11.03 40.34 16.72
N GLY A 85 10.30 40.57 15.63
CA GLY A 85 9.92 41.90 15.24
C GLY A 85 8.92 41.90 14.10
N ARG A 86 8.31 43.06 13.89
CA ARG A 86 7.22 43.29 12.93
C ARG A 86 7.48 44.65 12.31
N ASN A 87 7.54 44.72 11.01
CA ASN A 87 7.62 46.03 10.30
C ASN A 87 6.70 45.94 9.09
N ASP A 88 6.60 47.07 8.35
CA ASP A 88 5.61 47.26 7.26
C ASP A 88 5.90 46.27 6.13
N ARG A 89 7.11 45.73 6.06
CA ARG A 89 7.53 44.83 4.95
C ARG A 89 7.40 43.38 5.41
N PHE A 90 7.89 43.07 6.59
CA PHE A 90 7.99 41.66 7.03
C PHE A 90 7.91 41.55 8.55
N ASN A 91 7.53 40.37 8.99
CA ASN A 91 7.63 39.93 10.39
C ASN A 91 8.74 38.91 10.47
N TYR A 92 9.46 38.82 11.60
CA TYR A 92 10.58 37.90 11.72
C TYR A 92 10.67 37.33 13.13
N VAL A 93 11.27 36.17 13.21
CA VAL A 93 11.62 35.50 14.49
C VAL A 93 13.02 34.93 14.35
N VAL A 94 13.83 35.10 15.40
CA VAL A 94 15.23 34.61 15.38
C VAL A 94 15.36 33.53 16.42
N MET A 95 16.00 32.46 16.07
CA MET A 95 16.20 31.34 17.01
C MET A 95 17.42 30.50 16.68
N GLN A 96 17.74 29.61 17.59
CA GLN A 96 18.93 28.74 17.44
C GLN A 96 18.90 28.00 16.09
N LEU A 97 20.04 27.98 15.41
CA LEU A 97 20.21 27.24 14.15
C LEU A 97 20.55 25.79 14.50
N GLN A 98 19.88 24.85 13.86
CA GLN A 98 20.13 23.42 14.09
C GLN A 98 20.79 22.81 12.87
N GLY A 99 20.93 21.48 12.93
CA GLY A 99 21.66 20.74 11.91
C GLY A 99 20.76 19.99 10.92
N ARG A 100 21.06 18.73 10.69
CA ARG A 100 20.44 17.94 9.61
CA ARG A 100 20.44 17.94 9.61
C ARG A 100 18.99 17.57 9.97
N ASN A 101 18.12 17.76 9.04
CA ASN A 101 16.69 17.56 9.13
C ASN A 101 16.34 16.06 9.06
N LEU A 102 15.41 15.56 9.85
CA LEU A 102 15.09 14.11 9.84
C LEU A 102 14.57 13.66 8.50
N ALA A 103 13.81 14.51 7.78
CA ALA A 103 13.31 14.16 6.44
C ALA A 103 14.48 13.89 5.51
N ASP A 104 15.51 14.73 5.55
CA ASP A 104 16.70 14.58 4.71
C ASP A 104 17.46 13.30 5.12
N LEU A 105 17.62 13.11 6.43
CA LEU A 105 18.42 11.99 6.92
C LEU A 105 17.76 10.67 6.51
N ARG A 106 16.42 10.62 6.59
CA ARG A 106 15.70 9.38 6.20
C ARG A 106 15.88 9.13 4.69
N ARG A 107 15.76 10.17 3.88
CA ARG A 107 15.82 10.05 2.40
C ARG A 107 17.22 9.59 1.97
N SER A 108 18.24 9.86 2.77
CA SER A 108 19.65 9.48 2.48
C SER A 108 19.89 7.99 2.78
N GLN A 109 18.99 7.34 3.51
CA GLN A 109 19.14 5.90 3.81
C GLN A 109 18.91 5.07 2.54
N SER A 110 19.61 3.95 2.47
CA SER A 110 19.56 2.98 1.34
C SER A 110 18.16 2.85 0.77
N ARG A 111 17.20 2.46 1.58
CA ARG A 111 15.78 2.15 1.18
C ARG A 111 14.82 3.13 1.87
N GLY A 112 15.32 4.28 2.32
CA GLY A 112 14.52 5.24 3.06
C GLY A 112 14.06 4.68 4.42
N THR A 113 14.86 3.78 5.01
CA THR A 113 14.50 3.23 6.33
C THR A 113 15.58 3.54 7.35
N PHE A 114 15.16 3.71 8.59
CA PHE A 114 16.06 3.70 9.76
C PHE A 114 15.95 2.36 10.46
N THR A 115 17.03 1.96 11.09
CA THR A 115 17.02 0.78 11.97
C THR A 115 16.07 1.01 13.14
N ILE A 116 15.73 -0.07 13.80
CA ILE A 116 14.84 0.05 14.96
CA ILE A 116 14.89 -0.03 15.03
C ILE A 116 15.59 0.81 16.10
N SER A 117 16.91 0.67 16.20
CA SER A 117 17.72 1.45 17.19
C SER A 117 17.52 2.95 16.98
N THR A 118 17.72 3.45 15.76
CA THR A 118 17.59 4.88 15.46
C THR A 118 16.11 5.28 15.62
N THR A 119 15.20 4.47 15.13
CA THR A 119 13.74 4.76 15.16
C THR A 119 13.28 4.92 16.60
N LEU A 120 13.66 4.00 17.48
CA LEU A 120 13.17 4.06 18.86
C LEU A 120 13.72 5.29 19.55
N ARG A 121 14.99 5.60 19.38
CA ARG A 121 15.59 6.77 20.07
C ARG A 121 14.98 8.06 19.56
N LEU A 122 14.86 8.23 18.26
CA LEU A 122 14.23 9.42 17.69
C LEU A 122 12.79 9.49 18.18
N GLY A 123 12.05 8.38 18.08
CA GLY A 123 10.65 8.33 18.50
C GLY A 123 10.51 8.84 19.92
N ARG A 124 11.34 8.35 20.82
CA ARG A 124 11.18 8.70 22.24
C ARG A 124 11.44 10.21 22.42
N GLN A 125 12.45 10.75 21.75
CA GLN A 125 12.75 12.21 21.78
C GLN A 125 11.54 12.98 21.23
N ILE A 126 10.97 12.52 20.13
CA ILE A 126 9.81 13.20 19.52
C ILE A 126 8.62 13.15 20.50
N LEU A 127 8.36 12.01 21.13
CA LEU A 127 7.25 11.92 22.10
C LEU A 127 7.51 12.89 23.23
N GLU A 128 8.75 12.97 23.72
CA GLU A 128 9.08 13.97 24.75
C GLU A 128 8.68 15.36 24.28
N SER A 129 9.04 15.73 23.06
CA SER A 129 8.74 17.09 22.49
C SER A 129 7.23 17.32 22.41
N ILE A 130 6.47 16.29 22.08
CA ILE A 130 4.98 16.39 22.00
C ILE A 130 4.42 16.57 23.39
N GLU A 131 4.82 15.76 24.37
CA GLU A 131 4.28 15.93 25.75
C GLU A 131 4.61 17.36 26.22
N SER A 132 5.81 17.85 25.90
CA SER A 132 6.26 19.20 26.32
CA SER A 132 6.23 19.20 26.36
C SER A 132 5.36 20.29 25.74
N ILE A 133 5.10 20.26 24.46
CA ILE A 133 4.24 21.34 23.88
C ILE A 133 2.81 21.20 24.45
N HIS A 134 2.30 19.99 24.58
CA HIS A 134 0.95 19.79 25.20
C HIS A 134 0.91 20.38 26.62
N SER A 135 2.01 20.23 27.34
CA SER A 135 2.09 20.60 28.77
C SER A 135 2.01 22.12 28.94
N VAL A 136 2.31 22.90 27.93
CA VAL A 136 2.18 24.38 27.99
C VAL A 136 0.91 24.83 27.26
N GLY A 137 0.07 23.89 26.86
CA GLY A 137 -1.31 24.18 26.42
C GLY A 137 -1.44 24.33 24.91
N PHE A 138 -0.49 23.87 24.14
CA PHE A 138 -0.58 23.98 22.66
C PHE A 138 -0.56 22.61 22.02
N LEU A 139 -1.29 22.49 20.93
CA LEU A 139 -1.21 21.36 20.00
C LEU A 139 -0.31 21.76 18.87
N HIS A 140 0.49 20.83 18.36
CA HIS A 140 1.41 21.12 17.26
C HIS A 140 0.63 21.15 15.94
N ARG A 141 -0.02 20.04 15.65
CA ARG A 141 -0.99 19.88 14.53
C ARG A 141 -0.26 19.67 13.20
N ASP A 142 1.08 19.66 13.22
CA ASP A 142 1.86 19.53 11.94
C ASP A 142 3.05 18.60 12.18
N ILE A 143 2.88 17.52 12.93
CA ILE A 143 4.01 16.61 13.25
C ILE A 143 4.41 15.85 11.98
N LYS A 144 5.63 16.02 11.51
CA LYS A 144 6.13 15.41 10.25
C LYS A 144 7.64 15.49 10.32
N PRO A 145 8.38 14.67 9.57
CA PRO A 145 9.84 14.58 9.76
C PRO A 145 10.60 15.90 9.55
N SER A 146 10.15 16.71 8.61
CA SER A 146 10.86 17.96 8.24
C SER A 146 10.69 19.04 9.30
N ASN A 147 9.90 18.79 10.34
CA ASN A 147 9.80 19.72 11.48
C ASN A 147 10.70 19.30 12.64
N PHE A 148 11.66 18.43 12.39
CA PHE A 148 12.64 17.95 13.38
C PHE A 148 14.04 17.91 12.77
N ALA A 149 15.02 18.32 13.53
CA ALA A 149 16.42 18.23 13.14
C ALA A 149 17.28 17.89 14.32
N MET A 150 18.39 17.25 14.02
CA MET A 150 19.45 17.05 15.01
C MET A 150 20.21 18.35 15.20
N GLY A 151 20.87 18.49 16.33
CA GLY A 151 21.73 19.66 16.60
C GLY A 151 22.96 19.67 15.69
N ARG A 152 23.67 20.81 15.62
CA ARG A 152 24.78 20.95 14.67
C ARG A 152 26.14 21.03 15.36
N PHE A 153 26.22 20.86 16.66
CA PHE A 153 27.49 20.82 17.43
C PHE A 153 27.69 19.46 18.09
N PRO A 154 28.92 19.14 18.54
CA PRO A 154 29.13 17.85 19.20
C PRO A 154 28.17 17.67 20.39
N SER A 155 27.92 18.75 21.14
CA SER A 155 27.07 18.71 22.35
C SER A 155 25.58 18.64 22.02
N THR A 156 25.15 18.88 20.78
CA THR A 156 23.71 18.95 20.44
C THR A 156 23.33 17.97 19.31
N CYS A 157 24.29 17.35 18.65
CA CYS A 157 23.98 16.59 17.42
C CYS A 157 23.36 15.24 17.74
N ARG A 158 23.25 14.84 19.02
CA ARG A 158 22.50 13.61 19.39
C ARG A 158 21.11 13.98 19.96
N LYS A 159 20.79 15.27 19.97
CA LYS A 159 19.49 15.82 20.43
C LYS A 159 18.66 16.15 19.18
N CYS A 160 17.43 15.76 19.21
CA CYS A 160 16.43 16.08 18.19
C CYS A 160 15.58 17.26 18.66
N TYR A 161 15.45 18.25 17.83
CA TYR A 161 14.71 19.50 18.12
C TYR A 161 13.47 19.62 17.22
N MET A 162 12.36 20.00 17.86
CA MET A 162 11.10 20.44 17.22
C MET A 162 11.34 21.85 16.70
N LEU A 163 11.27 22.07 15.39
CA LEU A 163 11.84 23.26 14.72
C LEU A 163 10.81 24.35 14.46
N ASP A 164 9.51 24.06 14.41
CA ASP A 164 8.51 25.00 13.90
C ASP A 164 7.21 24.82 14.66
N PHE A 165 6.46 25.88 14.83
CA PHE A 165 5.18 25.87 15.58
C PHE A 165 4.12 26.65 14.87
N GLY A 166 4.32 26.93 13.59
CA GLY A 166 3.42 27.81 12.82
C GLY A 166 1.96 27.41 12.89
N LEU A 167 1.68 26.09 12.85
CA LEU A 167 0.27 25.60 12.71
C LEU A 167 -0.30 25.25 14.07
N ALA A 168 0.40 25.59 15.16
CA ALA A 168 -0.07 25.25 16.53
C ALA A 168 -1.38 25.94 16.84
N ARG A 169 -2.08 25.41 17.86
CA ARG A 169 -3.27 26.06 18.42
C ARG A 169 -3.24 25.87 19.91
N GLN A 170 -3.62 26.91 20.65
CA GLN A 170 -3.81 26.78 22.11
C GLN A 170 -5.08 25.98 22.34
N PHE A 171 -5.02 24.93 23.13
CA PHE A 171 -6.18 24.02 23.33
C PHE A 171 -6.75 24.16 24.74
N THR A 172 -6.10 24.93 25.60
CA THR A 172 -6.55 25.10 27.03
C THR A 172 -6.79 26.56 27.40
N ASN A 173 -7.46 26.76 28.54
CA ASN A 173 -7.37 27.97 29.42
C ASN A 173 -6.06 27.97 30.21
N SER A 174 -5.80 29.06 30.94
CA SER A 174 -4.59 29.27 31.79
C SER A 174 -4.49 28.15 32.85
N CYS A 175 -5.66 27.64 33.27
CA CYS A 175 -5.88 26.67 34.37
C CYS A 175 -5.67 25.24 33.87
N GLY A 176 -5.84 25.01 32.56
CA GLY A 176 -5.70 23.70 31.89
C GLY A 176 -7.05 23.11 31.49
N ASP A 177 -8.16 23.88 31.60
CA ASP A 177 -9.49 23.52 31.02
C ASP A 177 -9.31 23.33 29.47
N VAL A 178 -9.67 22.16 28.92
CA VAL A 178 -9.70 21.92 27.44
C VAL A 178 -10.81 22.81 26.83
N ARG A 179 -10.49 23.57 25.79
CA ARG A 179 -11.45 24.53 25.19
C ARG A 179 -12.47 23.73 24.40
N PRO A 180 -13.75 24.15 24.42
CA PRO A 180 -14.76 23.53 23.60
C PRO A 180 -14.30 23.52 22.14
N PRO A 181 -14.43 22.36 21.46
CA PRO A 181 -14.01 22.26 20.08
C PRO A 181 -14.95 23.03 19.17
N ARG A 182 -14.43 23.46 18.04
CA ARG A 182 -15.26 24.04 16.98
C ARG A 182 -15.95 22.92 16.23
N ALA A 183 -17.10 23.22 15.64
CA ALA A 183 -17.91 22.25 14.86
C ALA A 183 -17.13 21.83 13.61
N VAL A 184 -16.41 22.78 13.02
CA VAL A 184 -15.55 22.59 11.81
C VAL A 184 -14.21 23.24 12.07
N ALA A 185 -13.12 22.57 11.69
CA ALA A 185 -11.76 23.13 11.79
C ALA A 185 -11.03 22.79 10.51
N GLY A 186 -10.73 23.80 9.70
CA GLY A 186 -10.10 23.63 8.39
C GLY A 186 -8.65 23.29 8.55
N PHE A 187 -8.26 22.10 8.14
CA PHE A 187 -6.89 21.55 8.29
C PHE A 187 -5.93 22.19 7.29
N ARG A 188 -4.73 22.61 7.72
CA ARG A 188 -3.73 23.26 6.81
C ARG A 188 -2.40 22.49 6.87
N GLY A 189 -2.31 21.36 7.56
CA GLY A 189 -1.09 20.53 7.70
C GLY A 189 -0.81 19.59 6.49
N THR A 190 -0.04 18.52 6.70
CA THR A 190 0.49 17.68 5.60
C THR A 190 -0.40 16.45 5.49
N VAL A 191 -0.88 16.16 4.29
CA VAL A 191 -1.79 15.00 4.13
C VAL A 191 -1.10 13.72 4.63
N ARG A 192 0.18 13.50 4.33
CA ARG A 192 0.75 12.16 4.52
C ARG A 192 0.66 11.71 6.00
N TYR A 193 0.89 12.63 6.95
CA TYR A 193 1.02 12.24 8.38
C TYR A 193 -0.20 12.68 9.15
N ALA A 194 -1.20 13.20 8.48
CA ALA A 194 -2.40 13.76 9.18
C ALA A 194 -3.29 12.66 9.74
N SER A 195 -3.84 12.85 10.93
CA SER A 195 -4.81 11.89 11.48
C SER A 195 -6.15 11.97 10.71
N ILE A 196 -6.97 10.96 10.90
CA ILE A 196 -8.34 10.95 10.33
C ILE A 196 -9.04 12.25 10.73
N ASN A 197 -8.83 12.75 11.94
CA ASN A 197 -9.63 13.92 12.41
C ASN A 197 -9.30 15.15 11.57
N ALA A 198 -8.03 15.35 11.21
CA ALA A 198 -7.60 16.41 10.27
C ALA A 198 -8.32 16.22 8.94
N HIS A 199 -8.35 14.99 8.40
CA HIS A 199 -9.06 14.65 7.13
C HIS A 199 -10.54 15.02 7.23
N ARG A 200 -11.13 14.89 8.41
CA ARG A 200 -12.58 15.09 8.63
C ARG A 200 -12.89 16.54 8.97
N ASN A 201 -11.90 17.40 9.02
CA ASN A 201 -12.04 18.83 9.41
C ASN A 201 -12.70 18.91 10.79
N ARG A 202 -12.29 18.03 11.67
CA ARG A 202 -12.68 18.05 13.08
C ARG A 202 -11.62 18.83 13.85
N GLU A 203 -12.00 19.36 15.00
CA GLU A 203 -11.04 19.98 15.89
C GLU A 203 -10.00 18.95 16.33
N MET A 204 -8.74 19.23 16.10
CA MET A 204 -7.67 18.32 16.45
C MET A 204 -7.41 18.39 17.95
N GLY A 205 -6.93 17.29 18.48
CA GLY A 205 -6.59 17.17 19.90
C GLY A 205 -5.21 16.59 20.13
N ARG A 206 -4.85 16.33 21.38
CA ARG A 206 -3.50 15.85 21.74
C ARG A 206 -3.25 14.54 21.01
N HIS A 207 -4.24 13.70 20.89
CA HIS A 207 -4.11 12.35 20.28
C HIS A 207 -3.77 12.47 18.81
N ASP A 208 -4.15 13.55 18.14
CA ASP A 208 -3.87 13.70 16.69
C ASP A 208 -2.39 13.89 16.47
N ASP A 209 -1.70 14.56 17.38
CA ASP A 209 -0.23 14.69 17.30
C ASP A 209 0.39 13.31 17.51
N LEU A 210 -0.20 12.46 18.34
CA LEU A 210 0.36 11.10 18.59
C LEU A 210 0.08 10.18 17.40
N TRP A 211 -1.08 10.32 16.76
CA TRP A 211 -1.32 9.62 15.46
C TRP A 211 -0.19 9.98 14.48
N SER A 212 0.14 11.26 14.33
CA SER A 212 1.14 11.67 13.33
C SER A 212 2.49 11.05 13.72
N LEU A 213 2.83 11.06 15.00
CA LEU A 213 4.08 10.37 15.45
C LEU A 213 4.01 8.89 15.06
N PHE A 214 2.89 8.20 15.26
CA PHE A 214 2.78 6.77 14.92
C PHE A 214 3.07 6.59 13.43
N TYR A 215 2.48 7.44 12.58
CA TYR A 215 2.73 7.37 11.11
C TYR A 215 4.21 7.65 10.81
N MET A 216 4.83 8.59 11.52
CA MET A 216 6.27 8.89 11.30
C MET A 216 7.10 7.65 11.66
N LEU A 217 6.81 7.01 12.78
CA LEU A 217 7.58 5.82 13.25
C LEU A 217 7.46 4.67 12.24
N VAL A 218 6.25 4.43 11.74
CA VAL A 218 6.03 3.37 10.75
C VAL A 218 6.80 3.72 9.50
N GLU A 219 6.73 4.95 9.04
CA GLU A 219 7.49 5.31 7.81
C GLU A 219 9.01 5.13 8.04
N PHE A 220 9.50 5.48 9.22
CA PHE A 220 10.93 5.27 9.55
C PHE A 220 11.32 3.82 9.37
N VAL A 221 10.53 2.87 9.88
CA VAL A 221 10.99 1.45 9.88
CA VAL A 221 10.89 1.42 9.92
C VAL A 221 10.64 0.77 8.57
N VAL A 222 9.53 1.12 7.89
CA VAL A 222 9.04 0.46 6.66
C VAL A 222 9.60 1.19 5.42
N GLY A 223 9.82 2.49 5.52
CA GLY A 223 10.27 3.32 4.42
C GLY A 223 9.13 3.97 3.65
N GLN A 224 7.90 3.60 3.93
CA GLN A 224 6.74 4.17 3.21
C GLN A 224 5.48 3.90 4.00
N LEU A 225 4.48 4.71 3.72
CA LEU A 225 3.13 4.55 4.27
C LEU A 225 2.21 4.01 3.17
N PRO A 226 1.09 3.40 3.53
CA PRO A 226 0.23 2.73 2.54
C PRO A 226 -0.37 3.66 1.50
N TRP A 227 -0.49 4.93 1.86
CA TRP A 227 -1.04 6.03 1.04
C TRP A 227 0.08 6.95 0.50
N ARG A 228 1.31 6.39 0.40
CA ARG A 228 2.48 7.06 -0.29
CA ARG A 228 2.48 7.06 -0.29
C ARG A 228 2.07 7.61 -1.67
N LYS A 229 1.43 6.78 -2.54
CA LYS A 229 1.27 7.16 -3.97
C LYS A 229 -0.04 7.91 -4.25
N ILE A 230 -0.88 8.09 -3.28
CA ILE A 230 -2.26 8.69 -3.43
C ILE A 230 -2.14 10.19 -3.20
N LYS A 231 -2.48 10.98 -4.24
CA LYS A 231 -2.32 12.46 -4.29
C LYS A 231 -3.58 13.17 -3.75
N ASP A 232 -4.74 12.61 -3.98
CA ASP A 232 -6.03 13.19 -3.58
C ASP A 232 -6.19 13.07 -2.07
N LYS A 233 -6.33 14.20 -1.39
CA LYS A 233 -6.46 14.27 0.07
C LYS A 233 -7.64 13.42 0.54
N GLU A 234 -8.81 13.55 -0.09
CA GLU A 234 -10.01 12.78 0.34
C GLU A 234 -9.65 11.25 0.31
N GLN A 235 -9.01 10.84 -0.82
CA GLN A 235 -8.72 9.40 -1.10
C GLN A 235 -7.81 8.93 0.04
N VAL A 236 -6.85 9.72 0.39
CA VAL A 236 -6.00 9.36 1.56
C VAL A 236 -6.91 9.18 2.76
N GLY A 237 -7.81 10.15 3.01
CA GLY A 237 -8.67 10.12 4.19
C GLY A 237 -9.49 8.86 4.25
N SER A 238 -10.08 8.50 3.13
CA SER A 238 -10.88 7.28 2.99
C SER A 238 -10.02 6.10 3.42
N ILE A 239 -8.77 6.04 2.95
CA ILE A 239 -7.91 4.86 3.24
C ILE A 239 -7.71 4.80 4.73
N LYS A 240 -7.35 5.90 5.33
CA LYS A 240 -7.04 5.93 6.76
C LYS A 240 -8.28 5.54 7.54
N GLU A 241 -9.46 6.04 7.14
CA GLU A 241 -10.71 5.80 7.89
C GLU A 241 -10.95 4.31 8.00
N ARG A 242 -10.62 3.51 6.97
CA ARG A 242 -10.95 2.06 6.91
C ARG A 242 -9.75 1.20 7.33
N TYR A 243 -8.56 1.78 7.38
CA TYR A 243 -7.32 1.00 7.47
C TYR A 243 -7.28 0.26 8.81
N ASP A 244 -6.82 -0.98 8.80
CA ASP A 244 -6.53 -1.74 10.04
C ASP A 244 -5.13 -1.37 10.48
N HIS A 245 -4.99 -0.44 11.41
CA HIS A 245 -3.66 0.04 11.83
C HIS A 245 -2.82 -1.08 12.46
N ARG A 246 -3.43 -2.18 12.92
CA ARG A 246 -2.65 -3.30 13.49
C ARG A 246 -1.65 -3.83 12.46
N LEU A 247 -1.95 -3.66 11.18
CA LEU A 247 -1.02 -4.16 10.13
C LEU A 247 0.32 -3.42 10.29
N MET A 248 0.30 -2.21 10.82
CA MET A 248 1.53 -1.39 10.90
C MET A 248 2.41 -1.87 12.05
N LEU A 249 1.88 -2.75 12.90
CA LEU A 249 2.64 -3.29 14.05
C LEU A 249 3.69 -4.29 13.59
N LYS A 250 3.57 -4.85 12.38
CA LYS A 250 4.42 -5.98 11.94
C LYS A 250 5.91 -5.67 12.16
N HIS A 251 6.36 -4.47 11.81
CA HIS A 251 7.81 -4.17 11.85
C HIS A 251 8.14 -3.30 13.05
N LEU A 252 7.22 -3.15 13.99
CA LEU A 252 7.53 -2.44 15.27
C LEU A 252 7.68 -3.44 16.40
N PRO A 253 8.48 -3.08 17.44
CA PRO A 253 8.61 -3.93 18.62
C PRO A 253 7.23 -4.26 19.18
N PRO A 254 7.07 -5.39 19.87
CA PRO A 254 5.75 -5.86 20.28
C PRO A 254 4.95 -4.86 21.10
N GLU A 255 5.59 -4.07 21.98
CA GLU A 255 4.85 -3.21 22.90
C GLU A 255 4.14 -2.11 22.13
N PHE A 256 4.44 -1.90 20.85
CA PHE A 256 3.68 -0.88 20.09
C PHE A 256 2.21 -1.28 19.94
N SER A 257 1.79 -2.52 20.19
CA SER A 257 0.34 -2.87 20.29
C SER A 257 -0.30 -2.05 21.39
N ILE A 258 0.43 -1.83 22.50
CA ILE A 258 -0.05 -1.03 23.63
C ILE A 258 -0.19 0.42 23.20
N PHE A 259 0.81 0.94 22.53
CA PHE A 259 0.82 2.30 22.00
C PHE A 259 -0.42 2.51 21.13
N LEU A 260 -0.60 1.65 20.15
CA LEU A 260 -1.70 1.79 19.17
C LEU A 260 -3.05 1.63 19.87
N ASP A 261 -3.23 0.63 20.72
CA ASP A 261 -4.51 0.46 21.46
CA ASP A 261 -4.50 0.45 21.47
C ASP A 261 -4.78 1.73 22.26
N HIS A 262 -3.77 2.32 22.87
CA HIS A 262 -3.97 3.52 23.70
C HIS A 262 -4.40 4.70 22.86
N ILE A 263 -3.70 5.02 21.79
CA ILE A 263 -4.04 6.22 21.02
C ILE A 263 -5.38 5.97 20.32
N SER A 264 -5.70 4.72 19.97
CA SER A 264 -7.01 4.39 19.32
C SER A 264 -8.16 4.73 20.28
N SER A 265 -7.92 4.63 21.58
CA SER A 265 -8.93 4.82 22.63
C SER A 265 -9.21 6.29 22.86
N LEU A 266 -8.34 7.18 22.40
CA LEU A 266 -8.39 8.60 22.81
C LEU A 266 -9.39 9.36 21.95
N ASP A 267 -9.77 10.54 22.42
CA ASP A 267 -10.54 11.54 21.64
C ASP A 267 -10.15 12.91 22.14
N TYR A 268 -10.77 13.96 21.61
CA TYR A 268 -10.37 15.37 21.86
C TYR A 268 -10.35 15.64 23.36
N PHE A 269 -11.27 15.04 24.08
CA PHE A 269 -11.52 15.38 25.50
C PHE A 269 -10.76 14.45 26.44
N THR A 270 -9.89 13.60 25.95
CA THR A 270 -9.23 12.56 26.80
C THR A 270 -7.73 12.81 26.81
N LYS A 271 -7.18 13.10 27.98
CA LYS A 271 -5.72 13.34 28.11
C LYS A 271 -5.01 12.03 27.82
N PRO A 272 -3.97 12.04 26.98
CA PRO A 272 -3.17 10.86 26.78
C PRO A 272 -2.50 10.39 28.06
N ASP A 273 -2.27 9.10 28.16
CA ASP A 273 -1.42 8.49 29.21
C ASP A 273 0.02 8.54 28.69
N TYR A 274 0.68 9.70 28.85
CA TYR A 274 2.04 9.89 28.29
C TYR A 274 2.97 8.87 28.97
N GLN A 275 2.80 8.58 30.25
CA GLN A 275 3.75 7.66 30.94
C GLN A 275 3.64 6.26 30.30
N LEU A 276 2.43 5.80 30.00
CA LEU A 276 2.25 4.51 29.29
C LEU A 276 2.98 4.53 27.95
N LEU A 277 2.79 5.57 27.14
CA LEU A 277 3.42 5.66 25.81
C LEU A 277 4.94 5.73 25.97
N THR A 278 5.44 6.43 26.99
CA THR A 278 6.90 6.52 27.23
C THR A 278 7.40 5.10 27.57
N SER A 279 6.67 4.35 28.40
CA SER A 279 7.10 2.98 28.77
C SER A 279 7.22 2.07 27.56
N VAL A 280 6.37 2.26 26.54
CA VAL A 280 6.50 1.46 25.30
C VAL A 280 7.91 1.68 24.71
N PHE A 281 8.37 2.91 24.62
CA PHE A 281 9.71 3.22 24.09
C PHE A 281 10.77 2.68 25.05
N ASP A 282 10.62 2.91 26.33
CA ASP A 282 11.68 2.54 27.30
C ASP A 282 11.83 1.01 27.31
N ASN A 283 10.73 0.30 27.38
CA ASN A 283 10.73 -1.18 27.41
C ASN A 283 11.31 -1.73 26.11
N SER A 284 10.94 -1.15 24.99
CA SER A 284 11.40 -1.62 23.64
C SER A 284 12.92 -1.42 23.53
N ILE A 285 13.40 -0.25 23.98
CA ILE A 285 14.85 0.09 23.93
C ILE A 285 15.63 -0.90 24.80
N LYS A 286 15.11 -1.26 25.96
CA LYS A 286 15.81 -2.25 26.82
C LYS A 286 15.78 -3.62 26.15
N THR A 287 14.63 -4.05 25.64
CA THR A 287 14.47 -5.38 24.98
C THR A 287 15.46 -5.52 23.83
N PHE A 288 15.69 -4.46 23.09
CA PHE A 288 16.54 -4.48 21.88
C PHE A 288 18.01 -4.17 22.24
N GLY A 289 18.30 -3.88 23.53
CA GLY A 289 19.66 -3.61 24.06
C GLY A 289 20.23 -2.31 23.52
N VAL A 290 19.37 -1.39 23.12
CA VAL A 290 19.79 -0.09 22.56
C VAL A 290 20.32 0.82 23.68
N ILE A 291 21.47 1.45 23.47
CA ILE A 291 22.04 2.44 24.44
C ILE A 291 22.19 3.78 23.68
N GLU A 292 22.13 4.89 24.41
CA GLU A 292 22.08 6.25 23.81
C GLU A 292 23.33 6.47 22.94
N SER A 293 24.48 5.94 23.33
CA SER A 293 25.79 6.18 22.63
C SER A 293 25.93 5.37 21.34
N ASP A 294 25.02 4.43 21.07
CA ASP A 294 25.11 3.63 19.83
C ASP A 294 25.07 4.60 18.67
N PRO A 295 25.84 4.37 17.59
CA PRO A 295 25.75 5.22 16.42
C PRO A 295 24.33 5.26 15.86
N PHE A 296 23.87 6.47 15.53
CA PHE A 296 22.69 6.60 14.68
C PHE A 296 23.05 6.15 13.26
N ASP A 297 22.03 5.91 12.46
CA ASP A 297 22.23 5.30 11.12
C ASP A 297 23.09 6.19 10.21
N TRP A 298 22.98 7.51 10.34
CA TRP A 298 23.74 8.46 9.50
C TRP A 298 25.21 8.59 9.96
N GLU A 299 25.59 7.99 11.11
CA GLU A 299 26.98 8.05 11.65
C GLU A 299 27.79 6.86 11.15
N LYS A 300 27.11 5.85 10.62
CA LYS A 300 27.56 4.44 10.66
C LYS A 300 26.33 3.53 10.61
N GLN B 8 -2.03 -9.64 -32.99
CA GLN B 8 -0.54 -9.74 -33.23
C GLN B 8 -0.26 -10.84 -34.26
N PRO B 9 0.55 -10.60 -35.30
CA PRO B 9 0.81 -11.61 -36.32
C PRO B 9 1.65 -12.75 -35.74
N ASP B 10 1.38 -14.01 -36.13
CA ASP B 10 2.10 -15.15 -35.54
C ASP B 10 3.58 -15.03 -35.92
N ILE B 11 4.43 -15.50 -35.03
CA ILE B 11 5.90 -15.50 -35.16
C ILE B 11 6.39 -16.90 -35.50
N LEU B 12 5.75 -17.94 -35.00
CA LEU B 12 6.13 -19.31 -35.37
C LEU B 12 5.11 -19.85 -36.37
N SER B 13 5.25 -21.11 -36.71
CA SER B 13 4.43 -21.83 -37.68
C SER B 13 4.55 -23.30 -37.36
N VAL B 14 3.55 -24.08 -37.65
CA VAL B 14 3.64 -25.54 -37.43
C VAL B 14 4.86 -26.08 -38.17
N GLY B 15 5.65 -26.92 -37.47
CA GLY B 15 6.82 -27.66 -38.00
C GLY B 15 8.12 -27.03 -37.61
N ILE B 16 8.09 -25.79 -37.13
CA ILE B 16 9.31 -25.06 -36.65
C ILE B 16 9.90 -25.83 -35.45
N LEU B 17 11.25 -25.91 -35.38
CA LEU B 17 11.95 -26.50 -34.23
C LEU B 17 12.50 -25.34 -33.41
N VAL B 18 12.18 -25.30 -32.12
CA VAL B 18 12.67 -24.25 -31.17
C VAL B 18 13.81 -24.85 -30.35
N LYS B 19 14.99 -24.24 -30.43
CA LYS B 19 16.19 -24.66 -29.65
C LYS B 19 16.48 -26.14 -29.95
N GLU B 20 16.33 -26.58 -31.21
CA GLU B 20 16.67 -27.94 -31.65
C GLU B 20 15.95 -28.99 -30.80
N ARG B 21 14.86 -28.64 -30.13
CA ARG B 21 14.25 -29.55 -29.13
C ARG B 21 12.72 -29.62 -29.26
N TRP B 22 12.03 -28.50 -29.38
CA TRP B 22 10.56 -28.48 -29.34
C TRP B 22 10.03 -28.26 -30.75
N LYS B 23 9.38 -29.26 -31.32
CA LYS B 23 8.83 -29.18 -32.67
C LYS B 23 7.39 -28.71 -32.55
N VAL B 24 7.08 -27.54 -33.09
CA VAL B 24 5.71 -27.00 -33.09
C VAL B 24 4.80 -27.92 -33.87
N LEU B 25 3.71 -28.42 -33.27
CA LEU B 25 2.84 -29.37 -33.95
C LEU B 25 1.50 -28.75 -34.34
N ARG B 26 0.92 -27.92 -33.45
CA ARG B 26 -0.49 -27.50 -33.68
C ARG B 26 -0.76 -26.26 -32.85
N LYS B 27 -1.30 -25.25 -33.47
CA LYS B 27 -1.70 -24.04 -32.74
C LYS B 27 -2.90 -24.37 -31.87
N ILE B 28 -2.85 -23.95 -30.62
CA ILE B 28 -3.98 -24.20 -29.69
C ILE B 28 -4.53 -22.88 -29.15
N GLY B 29 -3.90 -21.76 -29.47
CA GLY B 29 -4.31 -20.48 -28.89
C GLY B 29 -3.68 -19.30 -29.56
N GLY B 30 -4.31 -18.12 -29.35
CA GLY B 30 -4.38 -16.95 -30.25
C GLY B 30 -5.46 -15.96 -29.80
N GLY B 31 -5.49 -14.77 -30.42
CA GLY B 31 -6.39 -13.66 -30.04
C GLY B 31 -5.90 -12.96 -28.79
N GLY B 32 -6.79 -12.80 -27.78
CA GLY B 32 -6.51 -12.17 -26.49
C GLY B 32 -5.57 -13.01 -25.63
N PHE B 33 -5.73 -14.35 -25.66
CA PHE B 33 -4.64 -15.33 -25.44
C PHE B 33 -3.56 -15.08 -26.51
N GLY B 34 -2.31 -15.21 -26.14
CA GLY B 34 -1.21 -15.03 -27.09
C GLY B 34 -1.10 -16.22 -28.03
N GLU B 35 0.09 -16.40 -28.56
CA GLU B 35 0.41 -17.48 -29.52
C GLU B 35 0.92 -18.69 -28.76
N ILE B 36 0.18 -19.79 -28.81
CA ILE B 36 0.46 -20.97 -28.00
C ILE B 36 0.28 -22.23 -28.86
N TYR B 37 1.16 -23.18 -28.67
CA TYR B 37 1.18 -24.41 -29.48
C TYR B 37 1.29 -25.64 -28.60
N ASP B 38 0.75 -26.73 -29.13
CA ASP B 38 1.13 -28.11 -28.77
C ASP B 38 2.41 -28.43 -29.51
N ALA B 39 3.45 -28.73 -28.79
CA ALA B 39 4.79 -29.00 -29.36
C ALA B 39 5.28 -30.36 -28.88
N LEU B 40 6.09 -30.99 -29.70
CA LEU B 40 6.77 -32.27 -29.36
C LEU B 40 8.12 -31.94 -28.71
N ASP B 41 8.28 -32.31 -27.43
CA ASP B 41 9.57 -32.21 -26.76
C ASP B 41 10.41 -33.43 -27.17
N MET B 42 11.40 -33.23 -28.03
CA MET B 42 12.17 -34.36 -28.59
CA MET B 42 12.13 -34.37 -28.59
C MET B 42 13.05 -34.99 -27.52
N LEU B 43 13.34 -34.29 -26.44
CA LEU B 43 14.16 -34.88 -25.35
C LEU B 43 13.35 -35.94 -24.64
N THR B 44 12.09 -35.65 -24.27
CA THR B 44 11.27 -36.49 -23.39
C THR B 44 10.21 -37.30 -24.17
N ARG B 45 10.05 -36.98 -25.45
CA ARG B 45 9.05 -37.62 -26.35
CA ARG B 45 9.05 -37.63 -26.36
C ARG B 45 7.66 -37.43 -25.76
N GLU B 46 7.35 -36.20 -25.38
CA GLU B 46 6.06 -35.83 -24.81
C GLU B 46 5.53 -34.63 -25.58
N ASN B 47 4.23 -34.48 -25.58
CA ASN B 47 3.59 -33.24 -26.03
C ASN B 47 3.69 -32.23 -24.86
N VAL B 48 4.00 -31.01 -25.17
CA VAL B 48 4.13 -29.90 -24.20
C VAL B 48 3.34 -28.68 -24.75
N ALA B 49 3.18 -27.65 -23.94
CA ALA B 49 2.67 -26.36 -24.38
C ALA B 49 3.81 -25.38 -24.52
N LEU B 50 3.83 -24.65 -25.65
CA LEU B 50 4.91 -23.69 -25.93
C LEU B 50 4.21 -22.35 -26.23
N LYS B 51 4.50 -21.33 -25.44
CA LYS B 51 3.97 -19.99 -25.62
C LYS B 51 5.09 -19.10 -26.17
N VAL B 52 4.75 -18.21 -27.08
CA VAL B 52 5.75 -17.39 -27.78
C VAL B 52 5.21 -15.99 -27.98
N GLU B 53 6.11 -15.04 -28.02
CA GLU B 53 5.79 -13.64 -28.35
C GLU B 53 6.96 -13.03 -29.13
N SER B 54 6.65 -12.15 -30.04
CA SER B 54 7.69 -11.37 -30.70
C SER B 54 8.53 -10.66 -29.62
N ALA B 55 9.86 -10.51 -29.93
CA ALA B 55 10.80 -9.63 -29.20
C ALA B 55 10.54 -8.13 -29.55
N GLN B 56 9.72 -7.83 -30.57
CA GLN B 56 9.25 -6.45 -30.91
C GLN B 56 7.81 -6.16 -30.43
N GLN B 57 7.04 -7.14 -29.93
CA GLN B 57 5.63 -6.94 -29.46
C GLN B 57 5.60 -5.85 -28.41
N PRO B 58 4.73 -4.80 -28.53
CA PRO B 58 4.82 -3.62 -27.67
C PRO B 58 4.64 -3.93 -26.18
N LYS B 59 3.70 -4.82 -25.85
CA LYS B 59 3.40 -5.25 -24.45
C LYS B 59 3.76 -6.72 -24.32
N GLN B 60 4.91 -7.03 -23.74
CA GLN B 60 5.41 -8.41 -23.60
C GLN B 60 5.12 -8.91 -22.17
N VAL B 61 4.61 -10.12 -22.05
CA VAL B 61 4.13 -10.64 -20.75
C VAL B 61 4.87 -11.93 -20.41
N LEU B 62 5.64 -12.54 -21.30
CA LEU B 62 6.21 -13.88 -20.96
C LEU B 62 7.28 -13.74 -19.86
N LYS B 63 7.86 -12.59 -19.66
CA LYS B 63 8.79 -12.40 -18.51
C LYS B 63 8.00 -12.67 -17.23
N MET B 64 6.78 -12.17 -17.15
CA MET B 64 5.91 -12.39 -15.96
C MET B 64 5.48 -13.86 -15.90
N GLU B 65 5.08 -14.45 -17.03
CA GLU B 65 4.67 -15.84 -17.13
C GLU B 65 5.77 -16.67 -16.47
N VAL B 66 7.01 -16.48 -16.91
CA VAL B 66 8.12 -17.34 -16.44
C VAL B 66 8.35 -17.10 -14.96
N ALA B 67 8.34 -15.86 -14.51
CA ALA B 67 8.59 -15.52 -13.11
C ALA B 67 7.55 -16.21 -12.23
N VAL B 68 6.27 -16.13 -12.58
CA VAL B 68 5.19 -16.69 -11.73
C VAL B 68 5.24 -18.23 -11.82
N LEU B 69 5.38 -18.80 -13.00
CA LEU B 69 5.47 -20.24 -13.13
C LEU B 69 6.59 -20.78 -12.26
N LYS B 70 7.74 -20.11 -12.27
CA LYS B 70 8.89 -20.50 -11.39
C LYS B 70 8.48 -20.44 -9.94
N LYS B 71 7.88 -19.31 -9.49
CA LYS B 71 7.56 -19.08 -8.09
C LYS B 71 6.58 -20.15 -7.60
N LEU B 72 5.73 -20.67 -8.48
CA LEU B 72 4.68 -21.64 -8.08
C LEU B 72 5.17 -23.08 -8.25
N GLN B 73 6.38 -23.30 -8.74
CA GLN B 73 6.78 -24.69 -9.03
CA GLN B 73 6.96 -24.65 -9.00
C GLN B 73 6.74 -25.54 -7.76
N GLY B 74 6.28 -26.77 -8.00
CA GLY B 74 6.09 -27.81 -7.01
C GLY B 74 4.71 -27.73 -6.42
N LYS B 75 3.99 -26.62 -6.60
CA LYS B 75 2.63 -26.51 -6.04
C LYS B 75 1.59 -27.21 -6.91
N ASP B 76 0.45 -27.51 -6.30
CA ASP B 76 -0.66 -28.14 -7.02
C ASP B 76 -1.34 -27.10 -7.93
N HIS B 77 -2.09 -27.55 -8.90
CA HIS B 77 -2.91 -26.71 -9.78
C HIS B 77 -2.02 -25.85 -10.71
N VAL B 78 -0.76 -26.16 -10.86
CA VAL B 78 0.15 -25.40 -11.75
C VAL B 78 0.79 -26.34 -12.77
N CYS B 79 1.05 -25.86 -13.98
CA CYS B 79 1.80 -26.62 -15.01
C CYS B 79 3.26 -26.71 -14.61
N ARG B 80 3.87 -27.85 -14.79
CA ARG B 80 5.35 -28.01 -14.63
C ARG B 80 6.08 -27.07 -15.62
N PHE B 81 7.03 -26.34 -15.14
CA PHE B 81 7.98 -25.56 -15.95
C PHE B 81 8.96 -26.46 -16.66
N ILE B 82 9.09 -26.30 -17.97
CA ILE B 82 9.94 -27.13 -18.81
C ILE B 82 11.12 -26.32 -19.32
N GLY B 83 10.91 -25.10 -19.82
CA GLY B 83 12.05 -24.30 -20.22
C GLY B 83 11.62 -22.95 -20.71
N CYS B 84 12.58 -22.10 -21.00
CA CYS B 84 12.28 -20.75 -21.54
C CYS B 84 13.50 -20.22 -22.26
N GLY B 85 13.29 -19.20 -23.06
CA GLY B 85 14.37 -18.52 -23.77
C GLY B 85 13.95 -17.18 -24.28
N ARG B 86 14.94 -16.38 -24.66
CA ARG B 86 14.79 -15.01 -25.16
C ARG B 86 15.80 -14.86 -26.27
N ASN B 87 15.37 -14.49 -27.46
CA ASN B 87 16.30 -14.22 -28.56
C ASN B 87 15.73 -13.02 -29.31
N ASP B 88 16.54 -12.57 -30.31
CA ASP B 88 16.30 -11.33 -31.07
C ASP B 88 14.95 -11.40 -31.77
N ARG B 89 14.48 -12.61 -32.08
CA ARG B 89 13.19 -12.77 -32.82
C ARG B 89 12.03 -12.94 -31.83
N PHE B 90 12.19 -13.76 -30.82
CA PHE B 90 11.05 -14.13 -29.94
C PHE B 90 11.51 -14.52 -28.56
N ASN B 91 10.58 -14.47 -27.64
CA ASN B 91 10.69 -15.04 -26.28
C ASN B 91 9.75 -16.23 -26.24
N TYR B 92 10.10 -17.27 -25.51
CA TYR B 92 9.21 -18.44 -25.40
C TYR B 92 9.29 -19.01 -24.00
N VAL B 93 8.24 -19.70 -23.63
CA VAL B 93 8.21 -20.51 -22.38
C VAL B 93 7.56 -21.83 -22.74
N VAL B 94 8.08 -22.88 -22.16
CA VAL B 94 7.56 -24.25 -22.38
C VAL B 94 7.05 -24.82 -21.06
N MET B 95 5.88 -25.36 -21.06
CA MET B 95 5.31 -25.91 -19.80
CA MET B 95 5.31 -25.90 -19.80
C MET B 95 4.38 -27.07 -20.07
N GLN B 96 4.01 -27.77 -19.05
CA GLN B 96 3.15 -28.96 -19.16
C GLN B 96 1.90 -28.65 -19.99
N LEU B 97 1.59 -29.53 -20.93
CA LEU B 97 0.34 -29.47 -21.68
C LEU B 97 -0.80 -30.06 -20.83
N GLN B 98 -1.91 -29.39 -20.72
CA GLN B 98 -3.10 -29.89 -20.04
C GLN B 98 -4.18 -30.28 -21.06
N GLY B 99 -5.35 -30.60 -20.56
CA GLY B 99 -6.47 -31.09 -21.34
C GLY B 99 -7.44 -29.96 -21.68
N ARG B 100 -8.71 -30.28 -21.57
CA ARG B 100 -9.82 -29.40 -21.99
C ARG B 100 -9.97 -28.24 -20.98
N ASN B 101 -10.08 -27.03 -21.45
CA ASN B 101 -10.25 -25.84 -20.59
C ASN B 101 -11.75 -25.69 -20.23
N LEU B 102 -12.01 -24.95 -19.19
CA LEU B 102 -13.34 -24.93 -18.59
C LEU B 102 -14.31 -24.21 -19.48
N ALA B 103 -13.87 -23.25 -20.27
CA ALA B 103 -14.76 -22.51 -21.17
C ALA B 103 -15.24 -23.50 -22.24
N ASP B 104 -14.34 -24.32 -22.77
CA ASP B 104 -14.67 -25.36 -23.80
C ASP B 104 -15.57 -26.43 -23.15
N LEU B 105 -15.29 -26.81 -21.92
CA LEU B 105 -16.09 -27.87 -21.28
C LEU B 105 -17.51 -27.35 -21.04
N ARG B 106 -17.66 -26.10 -20.63
CA ARG B 106 -19.04 -25.59 -20.40
C ARG B 106 -19.77 -25.47 -21.74
N ARG B 107 -19.08 -25.04 -22.80
CA ARG B 107 -19.69 -24.85 -24.13
C ARG B 107 -20.11 -26.20 -24.70
N SER B 108 -19.43 -27.29 -24.31
CA SER B 108 -19.74 -28.66 -24.83
CA SER B 108 -19.69 -28.69 -24.77
C SER B 108 -20.94 -29.28 -24.08
N GLN B 109 -21.41 -28.63 -23.02
CA GLN B 109 -22.66 -29.05 -22.35
C GLN B 109 -23.84 -28.54 -23.18
N SER B 110 -24.79 -29.40 -23.49
CA SER B 110 -26.00 -29.05 -24.29
C SER B 110 -26.64 -27.81 -23.66
N ARG B 111 -26.74 -27.75 -22.35
CA ARG B 111 -27.43 -26.64 -21.62
C ARG B 111 -26.49 -25.46 -21.35
N GLY B 112 -25.18 -25.59 -21.59
CA GLY B 112 -24.24 -24.49 -21.35
C GLY B 112 -24.08 -24.18 -19.87
N THR B 113 -24.27 -25.19 -19.02
CA THR B 113 -24.19 -25.05 -17.55
C THR B 113 -23.45 -26.27 -17.00
N PHE B 114 -22.91 -26.14 -15.80
CA PHE B 114 -22.50 -27.30 -14.98
C PHE B 114 -23.49 -27.50 -13.83
N THR B 115 -23.58 -28.72 -13.34
CA THR B 115 -24.32 -29.06 -12.12
C THR B 115 -23.67 -28.40 -10.92
N ILE B 116 -24.39 -28.39 -9.82
CA ILE B 116 -23.80 -27.87 -8.56
C ILE B 116 -22.66 -28.77 -8.10
N SER B 117 -22.73 -30.07 -8.34
CA SER B 117 -21.64 -31.01 -7.96
C SER B 117 -20.34 -30.62 -8.67
N THR B 118 -20.37 -30.48 -9.99
CA THR B 118 -19.19 -30.13 -10.78
C THR B 118 -18.73 -28.69 -10.39
N THR B 119 -19.68 -27.78 -10.22
CA THR B 119 -19.35 -26.35 -9.91
C THR B 119 -18.63 -26.28 -8.57
N LEU B 120 -19.14 -26.96 -7.55
CA LEU B 120 -18.51 -26.85 -6.21
C LEU B 120 -17.10 -27.41 -6.28
N ARG B 121 -16.90 -28.54 -6.91
CA ARG B 121 -15.56 -29.16 -6.91
C ARG B 121 -14.58 -28.28 -7.71
N LEU B 122 -14.97 -27.80 -8.90
CA LEU B 122 -14.11 -26.88 -9.67
C LEU B 122 -13.84 -25.64 -8.85
N GLY B 123 -14.87 -25.07 -8.24
CA GLY B 123 -14.74 -23.83 -7.45
C GLY B 123 -13.71 -24.01 -6.37
N ARG B 124 -13.78 -25.09 -5.65
CA ARG B 124 -12.85 -25.33 -4.52
C ARG B 124 -11.45 -25.41 -5.06
N GLN B 125 -11.24 -26.13 -6.17
CA GLN B 125 -9.88 -26.24 -6.75
C GLN B 125 -9.37 -24.88 -7.16
N ILE B 126 -10.23 -24.10 -7.79
CA ILE B 126 -9.81 -22.76 -8.29
C ILE B 126 -9.50 -21.87 -7.07
N LEU B 127 -10.28 -21.95 -6.02
CA LEU B 127 -9.94 -21.18 -4.80
C LEU B 127 -8.58 -21.61 -4.27
N GLU B 128 -8.28 -22.91 -4.27
CA GLU B 128 -6.94 -23.38 -3.86
C GLU B 128 -5.89 -22.66 -4.69
N SER B 129 -6.06 -22.65 -6.00
CA SER B 129 -5.04 -22.10 -6.93
C SER B 129 -4.88 -20.57 -6.68
N ILE B 130 -5.96 -19.88 -6.38
CA ILE B 130 -5.92 -18.42 -6.10
C ILE B 130 -5.18 -18.19 -4.79
N GLU B 131 -5.50 -18.91 -3.72
CA GLU B 131 -4.76 -18.74 -2.45
C GLU B 131 -3.27 -19.01 -2.74
N SER B 132 -2.96 -20.00 -3.55
CA SER B 132 -1.55 -20.36 -3.85
CA SER B 132 -1.56 -20.37 -3.87
C SER B 132 -0.83 -19.20 -4.56
N ILE B 133 -1.40 -18.61 -5.58
CA ILE B 133 -0.69 -17.52 -6.30
C ILE B 133 -0.57 -16.32 -5.33
N HIS B 134 -1.62 -16.00 -4.56
CA HIS B 134 -1.53 -14.90 -3.55
C HIS B 134 -0.40 -15.16 -2.55
N SER B 135 -0.20 -16.43 -2.17
CA SER B 135 0.75 -16.83 -1.14
C SER B 135 2.20 -16.58 -1.60
N VAL B 136 2.47 -16.49 -2.90
CA VAL B 136 3.83 -16.19 -3.44
C VAL B 136 3.89 -14.72 -3.87
N GLY B 137 2.87 -13.93 -3.52
CA GLY B 137 2.92 -12.48 -3.63
C GLY B 137 2.43 -11.91 -4.96
N PHE B 138 1.68 -12.68 -5.73
CA PHE B 138 1.15 -12.20 -7.01
C PHE B 138 -0.37 -12.26 -7.01
N LEU B 139 -0.96 -11.30 -7.70
CA LEU B 139 -2.37 -11.28 -8.10
C LEU B 139 -2.44 -11.86 -9.49
N HIS B 140 -3.47 -12.60 -9.79
CA HIS B 140 -3.69 -13.16 -11.14
C HIS B 140 -4.22 -12.10 -12.09
N ARG B 141 -5.33 -11.49 -11.69
CA ARG B 141 -5.99 -10.34 -12.34
C ARG B 141 -6.71 -10.73 -13.62
N ASP B 142 -6.72 -12.01 -14.02
CA ASP B 142 -7.55 -12.43 -15.17
C ASP B 142 -8.15 -13.80 -14.91
N ILE B 143 -8.81 -13.96 -13.78
CA ILE B 143 -9.50 -15.20 -13.43
C ILE B 143 -10.71 -15.33 -14.35
N LYS B 144 -10.74 -16.36 -15.17
CA LYS B 144 -11.80 -16.59 -16.15
C LYS B 144 -11.70 -18.04 -16.57
N PRO B 145 -12.79 -18.62 -17.10
CA PRO B 145 -12.83 -20.08 -17.34
C PRO B 145 -11.79 -20.57 -18.33
N SER B 146 -11.43 -19.78 -19.32
CA SER B 146 -10.43 -20.18 -20.33
C SER B 146 -9.02 -20.23 -19.73
N ASN B 147 -8.81 -19.72 -18.50
CA ASN B 147 -7.46 -19.80 -17.88
C ASN B 147 -7.38 -20.99 -16.92
N PHE B 148 -8.28 -21.95 -17.04
CA PHE B 148 -8.27 -23.20 -16.24
C PHE B 148 -8.51 -24.38 -17.17
N ALA B 149 -7.83 -25.50 -16.94
CA ALA B 149 -8.09 -26.72 -17.70
C ALA B 149 -7.93 -27.91 -16.81
N MET B 150 -8.65 -28.98 -17.14
CA MET B 150 -8.41 -30.28 -16.47
C MET B 150 -7.18 -30.92 -17.08
N GLY B 151 -6.57 -31.84 -16.38
CA GLY B 151 -5.43 -32.61 -16.92
C GLY B 151 -5.81 -33.51 -18.10
N ARG B 152 -4.84 -34.01 -18.84
CA ARG B 152 -5.12 -34.72 -20.10
C ARG B 152 -4.91 -36.24 -19.96
N PHE B 153 -4.53 -36.76 -18.76
CA PHE B 153 -4.25 -38.18 -18.55
C PHE B 153 -5.12 -38.70 -17.41
N PRO B 154 -5.27 -40.04 -17.28
CA PRO B 154 -6.07 -40.58 -16.18
C PRO B 154 -5.63 -40.01 -14.83
N SER B 155 -4.34 -39.88 -14.61
CA SER B 155 -3.80 -39.45 -13.30
C SER B 155 -3.89 -37.95 -13.05
N THR B 156 -4.28 -37.14 -14.07
CA THR B 156 -4.35 -35.68 -13.92
C THR B 156 -5.74 -35.13 -14.29
N CYS B 157 -6.59 -35.91 -14.95
CA CYS B 157 -7.82 -35.35 -15.56
C CYS B 157 -8.87 -34.96 -14.53
N ARG B 158 -8.69 -35.28 -13.25
CA ARG B 158 -9.59 -34.84 -12.16
C ARG B 158 -9.04 -33.61 -11.43
N LYS B 159 -7.88 -33.12 -11.89
CA LYS B 159 -7.19 -31.97 -11.32
C LYS B 159 -7.38 -30.79 -12.27
N CYS B 160 -7.73 -29.65 -11.72
CA CYS B 160 -7.90 -28.37 -12.43
C CYS B 160 -6.63 -27.52 -12.29
N TYR B 161 -6.10 -27.02 -13.39
CA TYR B 161 -4.83 -26.28 -13.46
C TYR B 161 -5.06 -24.85 -13.91
N MET B 162 -4.42 -23.93 -13.23
CA MET B 162 -4.27 -22.51 -13.66
C MET B 162 -3.26 -22.45 -14.79
N LEU B 163 -3.62 -21.88 -15.97
CA LEU B 163 -2.86 -22.10 -17.25
C LEU B 163 -1.95 -20.95 -17.65
N ASP B 164 -2.21 -19.75 -17.15
CA ASP B 164 -1.60 -18.52 -17.70
C ASP B 164 -1.42 -17.49 -16.59
N PHE B 165 -0.35 -16.69 -16.64
CA PHE B 165 -0.07 -15.65 -15.63
C PHE B 165 0.34 -14.35 -16.29
N GLY B 166 -0.02 -14.16 -17.56
CA GLY B 166 0.51 -13.01 -18.31
C GLY B 166 0.07 -11.68 -17.71
N LEU B 167 -1.10 -11.62 -17.05
CA LEU B 167 -1.64 -10.33 -16.53
C LEU B 167 -1.34 -10.17 -15.04
N ALA B 168 -0.55 -11.07 -14.46
CA ALA B 168 -0.24 -11.03 -13.01
C ALA B 168 0.54 -9.76 -12.64
N ARG B 169 0.48 -9.44 -11.36
CA ARG B 169 1.24 -8.32 -10.77
C ARG B 169 1.66 -8.73 -9.38
N GLN B 170 2.89 -8.45 -9.03
CA GLN B 170 3.40 -8.67 -7.66
C GLN B 170 2.78 -7.62 -6.76
N PHE B 171 2.11 -8.02 -5.69
CA PHE B 171 1.42 -7.03 -4.80
C PHE B 171 2.19 -6.90 -3.47
N THR B 172 3.26 -7.68 -3.26
CA THR B 172 4.15 -7.58 -2.08
C THR B 172 5.52 -7.08 -2.54
N ASN B 173 6.23 -6.39 -1.65
CA ASN B 173 7.49 -5.70 -2.03
C ASN B 173 8.65 -6.69 -1.83
N SER B 174 9.89 -6.20 -1.95
CA SER B 174 11.16 -6.90 -1.62
C SER B 174 11.08 -7.49 -0.20
N CYS B 175 10.39 -6.83 0.72
CA CYS B 175 10.42 -7.13 2.18
C CYS B 175 9.18 -7.92 2.61
N GLY B 176 8.33 -8.33 1.64
CA GLY B 176 7.16 -9.23 1.85
C GLY B 176 5.89 -8.48 2.29
N ASP B 177 5.97 -7.14 2.38
CA ASP B 177 4.87 -6.23 2.82
C ASP B 177 3.93 -5.96 1.60
N VAL B 178 2.67 -5.61 1.82
CA VAL B 178 1.71 -5.22 0.73
C VAL B 178 2.16 -3.86 0.18
N ARG B 179 2.32 -3.72 -1.14
CA ARG B 179 2.81 -2.50 -1.80
C ARG B 179 1.76 -1.42 -1.67
N PRO B 180 2.15 -0.17 -1.45
CA PRO B 180 1.24 0.98 -1.55
C PRO B 180 0.60 0.99 -2.93
N PRO B 181 -0.74 1.05 -3.02
CA PRO B 181 -1.39 1.03 -4.30
C PRO B 181 -1.14 2.33 -5.06
N ARG B 182 -1.17 2.19 -6.41
CA ARG B 182 -1.19 3.35 -7.30
C ARG B 182 -2.52 4.06 -7.20
N ALA B 183 -2.54 5.36 -7.48
CA ALA B 183 -3.76 6.21 -7.49
C ALA B 183 -4.70 5.70 -8.60
N VAL B 184 -4.13 5.35 -9.73
CA VAL B 184 -4.85 4.87 -10.96
C VAL B 184 -4.11 3.67 -11.52
N ALA B 185 -4.83 2.65 -11.97
CA ALA B 185 -4.28 1.40 -12.50
C ALA B 185 -5.12 0.99 -13.72
N GLY B 186 -4.44 0.74 -14.84
CA GLY B 186 -5.06 0.28 -16.09
C GLY B 186 -6.02 -0.85 -15.83
N PHE B 187 -7.21 -0.79 -16.43
CA PHE B 187 -8.20 -1.88 -16.40
C PHE B 187 -7.50 -3.11 -16.94
N ARG B 188 -7.51 -4.15 -16.15
CA ARG B 188 -6.79 -5.40 -16.40
C ARG B 188 -7.79 -6.53 -16.32
N GLY B 189 -7.82 -7.30 -17.39
CA GLY B 189 -8.57 -8.54 -17.46
C GLY B 189 -9.67 -8.45 -18.50
N THR B 190 -10.68 -9.21 -18.27
CA THR B 190 -11.75 -9.53 -19.21
C THR B 190 -13.01 -8.89 -18.68
N VAL B 191 -13.65 -8.09 -19.47
CA VAL B 191 -14.76 -7.23 -18.97
C VAL B 191 -15.78 -8.12 -18.23
N ARG B 192 -16.15 -9.25 -18.81
CA ARG B 192 -17.23 -10.05 -18.23
C ARG B 192 -16.94 -10.41 -16.77
N TYR B 193 -15.73 -10.73 -16.42
CA TYR B 193 -15.41 -11.31 -15.09
C TYR B 193 -14.73 -10.31 -14.18
N ALA B 194 -14.52 -9.10 -14.65
CA ALA B 194 -13.75 -8.08 -13.88
C ALA B 194 -14.55 -7.57 -12.68
N SER B 195 -13.87 -7.32 -11.57
CA SER B 195 -14.52 -6.71 -10.40
C SER B 195 -14.82 -5.21 -10.66
N ILE B 196 -15.66 -4.67 -9.85
CA ILE B 196 -15.95 -3.20 -9.86
C ILE B 196 -14.64 -2.41 -9.77
N ASN B 197 -13.65 -2.87 -9.00
CA ASN B 197 -12.41 -2.09 -8.78
C ASN B 197 -11.62 -1.98 -10.07
N ALA B 198 -11.59 -3.03 -10.91
CA ALA B 198 -10.99 -2.98 -12.26
C ALA B 198 -11.74 -1.94 -13.09
N HIS B 199 -13.07 -1.96 -13.07
CA HIS B 199 -13.91 -1.00 -13.82
C HIS B 199 -13.60 0.44 -13.38
N ARG B 200 -13.18 0.62 -12.11
CA ARG B 200 -12.94 1.97 -11.52
C ARG B 200 -11.46 2.35 -11.70
N ASN B 201 -10.68 1.50 -12.37
CA ASN B 201 -9.24 1.75 -12.63
C ASN B 201 -8.55 1.95 -11.28
N ARG B 202 -8.96 1.18 -10.28
CA ARG B 202 -8.30 1.14 -8.96
C ARG B 202 -7.23 0.05 -9.00
N GLU B 203 -6.26 0.15 -8.12
CA GLU B 203 -5.27 -0.91 -7.95
C GLU B 203 -6.01 -2.16 -7.50
N MET B 204 -5.84 -3.25 -8.20
CA MET B 204 -6.52 -4.49 -7.90
C MET B 204 -5.85 -5.14 -6.68
N GLY B 205 -6.63 -5.88 -5.94
CA GLY B 205 -6.12 -6.63 -4.78
C GLY B 205 -6.56 -8.09 -4.82
N ARG B 206 -6.27 -8.80 -3.75
CA ARG B 206 -6.56 -10.24 -3.64
C ARG B 206 -8.06 -10.51 -3.73
N HIS B 207 -8.87 -9.61 -3.23
CA HIS B 207 -10.33 -9.74 -3.26
C HIS B 207 -10.84 -9.65 -4.69
N ASP B 208 -10.16 -8.95 -5.58
CA ASP B 208 -10.69 -8.79 -6.96
C ASP B 208 -10.57 -10.11 -7.71
N ASP B 209 -9.54 -10.93 -7.43
CA ASP B 209 -9.49 -12.31 -7.96
C ASP B 209 -10.70 -13.11 -7.45
N LEU B 210 -11.08 -12.91 -6.20
CA LEU B 210 -12.21 -13.67 -5.60
C LEU B 210 -13.56 -13.20 -6.18
N TRP B 211 -13.74 -11.92 -6.46
CA TRP B 211 -14.92 -11.42 -7.21
C TRP B 211 -15.00 -12.16 -8.56
N SER B 212 -13.89 -12.26 -9.30
CA SER B 212 -13.87 -12.92 -10.60
C SER B 212 -14.25 -14.40 -10.42
N LEU B 213 -13.77 -15.03 -9.38
CA LEU B 213 -14.17 -16.43 -9.08
C LEU B 213 -15.68 -16.49 -8.83
N PHE B 214 -16.23 -15.58 -8.01
CA PHE B 214 -17.68 -15.57 -7.74
C PHE B 214 -18.45 -15.50 -9.06
N TYR B 215 -18.06 -14.58 -9.96
CA TYR B 215 -18.77 -14.40 -11.24
C TYR B 215 -18.66 -15.69 -12.08
N MET B 216 -17.47 -16.31 -12.09
CA MET B 216 -17.27 -17.53 -12.87
CA MET B 216 -17.25 -17.58 -12.83
C MET B 216 -18.21 -18.65 -12.31
N LEU B 217 -18.33 -18.76 -11.00
CA LEU B 217 -19.18 -19.84 -10.40
C LEU B 217 -20.65 -19.61 -10.69
N VAL B 218 -21.11 -18.36 -10.60
CA VAL B 218 -22.49 -18.01 -10.98
C VAL B 218 -22.70 -18.39 -12.45
N GLU B 219 -21.79 -18.02 -13.32
CA GLU B 219 -21.97 -18.30 -14.76
C GLU B 219 -21.99 -19.82 -14.98
N PHE B 220 -21.19 -20.58 -14.26
CA PHE B 220 -21.21 -22.07 -14.37
C PHE B 220 -22.63 -22.57 -14.12
N VAL B 221 -23.29 -22.10 -13.05
CA VAL B 221 -24.56 -22.75 -12.62
CA VAL B 221 -24.58 -22.68 -12.56
C VAL B 221 -25.74 -22.16 -13.41
N VAL B 222 -25.71 -20.87 -13.74
CA VAL B 222 -26.84 -20.16 -14.40
C VAL B 222 -26.68 -20.25 -15.92
N GLY B 223 -25.43 -20.23 -16.40
CA GLY B 223 -25.14 -20.29 -17.84
C GLY B 223 -24.83 -18.93 -18.39
N GLN B 224 -25.04 -17.88 -17.59
CA GLN B 224 -24.85 -16.48 -18.08
C GLN B 224 -24.80 -15.56 -16.90
N LEU B 225 -24.19 -14.41 -17.14
CA LEU B 225 -24.13 -13.28 -16.17
C LEU B 225 -25.09 -12.18 -16.66
N PRO B 226 -25.50 -11.26 -15.77
CA PRO B 226 -26.55 -10.30 -16.13
C PRO B 226 -26.11 -9.32 -17.21
N TRP B 227 -24.83 -9.10 -17.34
CA TRP B 227 -24.16 -8.19 -18.30
C TRP B 227 -23.48 -9.01 -19.43
N ARG B 228 -23.98 -10.23 -19.68
CA ARG B 228 -23.64 -11.08 -20.89
C ARG B 228 -23.69 -10.23 -22.16
N LYS B 229 -24.81 -9.53 -22.44
CA LYS B 229 -25.06 -8.93 -23.78
C LYS B 229 -24.46 -7.53 -23.95
N ILE B 230 -23.92 -6.95 -22.92
CA ILE B 230 -23.40 -5.56 -22.87
C ILE B 230 -21.90 -5.61 -23.22
N LYS B 231 -21.53 -4.96 -24.32
CA LYS B 231 -20.16 -4.94 -24.90
C LYS B 231 -19.33 -3.80 -24.29
N ASP B 232 -19.96 -2.66 -24.03
CA ASP B 232 -19.25 -1.43 -23.57
C ASP B 232 -18.77 -1.60 -22.13
N LYS B 233 -17.48 -1.46 -21.91
CA LYS B 233 -16.84 -1.71 -20.60
C LYS B 233 -17.49 -0.82 -19.53
N GLU B 234 -17.67 0.47 -19.82
CA GLU B 234 -18.21 1.39 -18.79
C GLU B 234 -19.63 0.86 -18.36
N GLN B 235 -20.44 0.53 -19.43
CA GLN B 235 -21.87 0.13 -19.23
C GLN B 235 -21.88 -1.10 -18.31
N VAL B 236 -20.96 -1.99 -18.56
CA VAL B 236 -20.86 -3.17 -17.66
C VAL B 236 -20.57 -2.64 -16.27
N GLY B 237 -19.59 -1.74 -16.12
CA GLY B 237 -19.15 -1.32 -14.79
C GLY B 237 -20.28 -0.66 -14.03
N SER B 238 -21.04 0.15 -14.72
CA SER B 238 -22.24 0.80 -14.16
CA SER B 238 -22.24 0.79 -14.15
C SER B 238 -23.14 -0.32 -13.56
N ILE B 239 -23.40 -1.34 -14.33
CA ILE B 239 -24.35 -2.42 -13.89
C ILE B 239 -23.79 -3.05 -12.63
N LYS B 240 -22.55 -3.37 -12.65
CA LYS B 240 -21.92 -4.07 -11.50
C LYS B 240 -21.98 -3.17 -10.27
N GLU B 241 -21.68 -1.89 -10.42
CA GLU B 241 -21.63 -0.94 -9.30
C GLU B 241 -22.98 -0.90 -8.58
N ARG B 242 -24.09 -1.00 -9.32
CA ARG B 242 -25.46 -0.88 -8.78
C ARG B 242 -26.08 -2.25 -8.46
N TYR B 243 -25.53 -3.33 -8.97
CA TYR B 243 -26.19 -4.64 -8.94
C TYR B 243 -26.28 -5.15 -7.49
N ASP B 244 -27.42 -5.74 -7.15
CA ASP B 244 -27.61 -6.44 -5.88
C ASP B 244 -27.05 -7.86 -6.04
N HIS B 245 -25.83 -8.11 -5.63
CA HIS B 245 -25.20 -9.43 -5.87
C HIS B 245 -25.90 -10.54 -5.08
N ARG B 246 -26.68 -10.21 -4.07
CA ARG B 246 -27.47 -11.25 -3.37
C ARG B 246 -28.41 -11.98 -4.36
N LEU B 247 -28.81 -11.34 -5.46
CA LEU B 247 -29.67 -12.02 -6.45
C LEU B 247 -28.96 -13.26 -6.99
N MET B 248 -27.64 -13.25 -6.98
CA MET B 248 -26.86 -14.36 -7.58
C MET B 248 -26.84 -15.54 -6.62
N LEU B 249 -27.28 -15.35 -5.39
CA LEU B 249 -27.26 -16.44 -4.37
C LEU B 249 -28.39 -17.44 -4.62
N LYS B 250 -29.39 -17.06 -5.41
CA LYS B 250 -30.58 -17.88 -5.65
C LYS B 250 -30.19 -19.29 -6.09
N HIS B 251 -29.20 -19.42 -6.97
CA HIS B 251 -28.89 -20.73 -7.58
C HIS B 251 -27.65 -21.31 -6.95
N LEU B 252 -27.17 -20.77 -5.85
CA LEU B 252 -25.97 -21.36 -5.17
C LEU B 252 -26.42 -21.98 -3.87
N PRO B 253 -25.61 -22.94 -3.33
CA PRO B 253 -25.87 -23.46 -1.98
C PRO B 253 -25.89 -22.34 -0.95
N PRO B 254 -26.69 -22.50 0.13
CA PRO B 254 -26.94 -21.39 1.07
C PRO B 254 -25.69 -20.72 1.65
N GLU B 255 -24.61 -21.46 1.88
CA GLU B 255 -23.43 -20.88 2.54
C GLU B 255 -22.74 -19.88 1.62
N PHE B 256 -23.12 -19.77 0.36
CA PHE B 256 -22.50 -18.72 -0.49
C PHE B 256 -22.91 -17.32 -0.06
N SER B 257 -23.91 -17.16 0.81
CA SER B 257 -24.20 -15.85 1.44
C SER B 257 -22.98 -15.42 2.25
N ILE B 258 -22.32 -16.38 2.91
CA ILE B 258 -21.12 -16.10 3.76
C ILE B 258 -20.00 -15.68 2.83
N PHE B 259 -19.83 -16.39 1.72
CA PHE B 259 -18.78 -16.10 0.73
C PHE B 259 -18.96 -14.67 0.21
N LEU B 260 -20.16 -14.34 -0.22
CA LEU B 260 -20.43 -13.01 -0.82
C LEU B 260 -20.26 -11.92 0.24
N ASP B 261 -20.81 -12.09 1.44
CA ASP B 261 -20.68 -11.10 2.55
CA ASP B 261 -20.67 -11.11 2.55
C ASP B 261 -19.18 -10.87 2.80
N HIS B 262 -18.39 -11.93 2.83
CA HIS B 262 -16.94 -11.82 3.13
C HIS B 262 -16.25 -11.01 2.05
N ILE B 263 -16.39 -11.39 0.79
CA ILE B 263 -15.60 -10.69 -0.26
C ILE B 263 -16.11 -9.24 -0.37
N SER B 264 -17.37 -8.98 -0.11
CA SER B 264 -17.95 -7.62 -0.17
C SER B 264 -17.29 -6.74 0.90
N SER B 265 -16.83 -7.33 2.01
CA SER B 265 -16.21 -6.61 3.17
C SER B 265 -14.77 -6.22 2.86
N LEU B 266 -14.16 -6.86 1.89
CA LEU B 266 -12.70 -6.76 1.69
C LEU B 266 -12.36 -5.48 0.92
N ASP B 267 -11.11 -5.10 0.99
CA ASP B 267 -10.52 -3.99 0.21
C ASP B 267 -9.05 -4.34 -0.04
N TYR B 268 -8.34 -3.51 -0.76
CA TYR B 268 -6.96 -3.80 -1.22
C TYR B 268 -6.06 -4.19 -0.02
N PHE B 269 -6.29 -3.58 1.16
CA PHE B 269 -5.39 -3.69 2.32
C PHE B 269 -5.81 -4.82 3.26
N THR B 270 -6.81 -5.63 2.89
CA THR B 270 -7.35 -6.64 3.82
C THR B 270 -7.10 -8.04 3.25
N LYS B 271 -6.35 -8.84 3.94
CA LYS B 271 -6.13 -10.25 3.50
C LYS B 271 -7.45 -10.98 3.60
N PRO B 272 -7.85 -11.71 2.54
CA PRO B 272 -9.01 -12.55 2.62
C PRO B 272 -8.89 -13.63 3.69
N ASP B 273 -10.03 -14.01 4.26
CA ASP B 273 -10.13 -15.18 5.14
C ASP B 273 -10.31 -16.40 4.25
N TYR B 274 -9.23 -16.93 3.73
CA TYR B 274 -9.28 -18.05 2.78
C TYR B 274 -9.91 -19.26 3.49
N GLN B 275 -9.62 -19.47 4.77
CA GLN B 275 -10.17 -20.64 5.50
C GLN B 275 -11.70 -20.56 5.52
N LEU B 276 -12.24 -19.37 5.78
CA LEU B 276 -13.69 -19.16 5.77
C LEU B 276 -14.24 -19.50 4.39
N LEU B 277 -13.62 -18.98 3.33
CA LEU B 277 -14.12 -19.22 1.97
C LEU B 277 -14.01 -20.71 1.64
N THR B 278 -12.94 -21.37 2.05
CA THR B 278 -12.77 -22.81 1.83
C THR B 278 -13.93 -23.53 2.53
N SER B 279 -14.28 -23.15 3.76
CA SER B 279 -15.34 -23.82 4.53
C SER B 279 -16.70 -23.71 3.81
N VAL B 280 -16.93 -22.63 3.07
CA VAL B 280 -18.20 -22.53 2.29
C VAL B 280 -18.26 -23.69 1.27
N PHE B 281 -17.17 -23.97 0.59
CA PHE B 281 -17.12 -25.07 -0.37
C PHE B 281 -17.20 -26.40 0.37
N ASP B 282 -16.41 -26.60 1.42
CA ASP B 282 -16.37 -27.90 2.13
C ASP B 282 -17.77 -28.21 2.68
N ASN B 283 -18.39 -27.25 3.33
CA ASN B 283 -19.72 -27.47 3.96
C ASN B 283 -20.77 -27.74 2.88
N SER B 284 -20.71 -26.99 1.76
CA SER B 284 -21.69 -27.13 0.66
C SER B 284 -21.55 -28.54 0.06
N ILE B 285 -20.32 -28.98 -0.18
CA ILE B 285 -19.99 -30.31 -0.71
C ILE B 285 -20.54 -31.39 0.22
N LYS B 286 -20.38 -31.24 1.52
CA LYS B 286 -20.93 -32.24 2.47
C LYS B 286 -22.46 -32.24 2.40
N THR B 287 -23.08 -31.07 2.42
CA THR B 287 -24.55 -30.90 2.47
C THR B 287 -25.18 -31.52 1.23
N PHE B 288 -24.52 -31.37 0.10
CA PHE B 288 -25.03 -31.82 -1.21
C PHE B 288 -24.57 -33.26 -1.46
N GLY B 289 -23.84 -33.89 -0.52
CA GLY B 289 -23.41 -35.30 -0.60
C GLY B 289 -22.45 -35.56 -1.76
N VAL B 290 -21.72 -34.56 -2.14
CA VAL B 290 -20.74 -34.61 -3.27
C VAL B 290 -19.47 -35.29 -2.81
N ILE B 291 -19.01 -36.27 -3.62
CA ILE B 291 -17.83 -37.13 -3.42
C ILE B 291 -16.83 -36.79 -4.53
N GLU B 292 -15.53 -36.75 -4.25
CA GLU B 292 -14.49 -36.39 -5.29
C GLU B 292 -14.63 -37.31 -6.52
N SER B 293 -14.94 -38.59 -6.33
CA SER B 293 -14.96 -39.60 -7.41
C SER B 293 -16.23 -39.54 -8.24
N ASP B 294 -17.22 -38.74 -7.84
CA ASP B 294 -18.49 -38.64 -8.61
C ASP B 294 -18.12 -38.15 -10.00
N PRO B 295 -18.81 -38.61 -11.04
CA PRO B 295 -18.51 -38.14 -12.38
C PRO B 295 -18.68 -36.62 -12.47
N PHE B 296 -17.74 -35.96 -13.10
CA PHE B 296 -17.96 -34.58 -13.55
C PHE B 296 -18.96 -34.62 -14.72
N ASP B 297 -19.50 -33.48 -15.05
CA ASP B 297 -20.60 -33.38 -16.05
C ASP B 297 -20.14 -33.91 -17.43
N TRP B 298 -18.87 -33.70 -17.78
CA TRP B 298 -18.36 -34.09 -19.13
C TRP B 298 -18.06 -35.59 -19.19
N GLU B 299 -18.14 -36.32 -18.08
CA GLU B 299 -17.89 -37.80 -17.98
C GLU B 299 -19.20 -38.56 -18.14
N LYS B 300 -20.30 -37.82 -18.25
CA LYS B 300 -21.69 -38.32 -18.37
C LYS B 300 -22.12 -38.18 -19.82
#